data_3SQI
#
_entry.id   3SQI
#
_cell.length_a   117.303
_cell.length_b   147.536
_cell.length_c   95.639
_cell.angle_alpha   90.00
_cell.angle_beta   90.00
_cell.angle_gamma   90.00
#
_symmetry.space_group_name_H-M   'C 2 2 21'
#
loop_
_entity.id
_entity.type
_entity.pdbx_description
1 polymer KLLA0E03807p
2 polymer "DNA (5'-D(P*TP*TP*AP*AP*TP*TP*TP*AP*TP*AP*AP*AP*AP*TP*T)-3')"
3 polymer "DNA (5'-D(P*AP*AP*AP*TP*TP*TP*TP*AP*TP*AP*AP*AP*TP*TP*A)-3')"
#
loop_
_entity_poly.entity_id
_entity_poly.type
_entity_poly.pdbx_seq_one_letter_code
_entity_poly.pdbx_strand_id
1 'polypeptide(L)'
;MSKLDSLLKELPTRTAHLYRSIWHKYTEWLKTMPDLTGADLKLFLSQKYIVKYIASHDDIAKDPLPTCDAMIWFSRALDI
ENNDVLVLQQRLYGLVKLLEFDYSNVIAILQKISINLWNPSTDSLQSKHFKTCQDKLKLLLDFQWKFNTNVSFEDRTTVS
LKDLQCILDDENGKCGLAHSSKPNFVLVPNFQSPFTCPIFTMAVYYYLRFHGVKKYYKGDGYQILSQLEHIPIIRGKSLD
QYPRELTLGNWYPTIFKYCQLPYTKKHWFQVNQEWPQFPDFSDSSENTSTLAESDSENTIGIPDFYIEKMNRTKLQPCPQ
VHVHLFPTDLPPDIQAVFDLLNSVLVTSLPLLYRVFPTHDIFLDPSLKTPQNIAFLTGTLPLDIESQEHLLAQLIDKTGT
VSELVPNPVKIDQNEHTLTPIGTSLSQTDIPMLDQLKTELQKLIQLQTSTGFSQLITVLLEIFQRLDFKKSNKQFVIDLL
QSCRKDMRNKLMDPCSLSTNFADELSDDENEKGNKTGAIYDPETDNGNEESVSD
;
A
2 'polydeoxyribonucleotide' (DT)(DT)(DA)(DA)(DT)(DT)(DT)(DA)(DT)(DA)(DA)(DA)(DA)(DT)(DT) B
3 'polydeoxyribonucleotide' (DA)(DA)(DA)(DT)(DT)(DT)(DT)(DA)(DT)(DA)(DA)(DA)(DT)(DT)(DA) C
#
# COMPACT_ATOMS: atom_id res chain seq x y z
N MET A 1 -8.39 39.42 -8.68
CA MET A 1 -9.18 40.10 -9.71
C MET A 1 -9.63 41.48 -9.22
N SER A 2 -9.82 42.39 -10.17
CA SER A 2 -10.30 43.73 -9.86
C SER A 2 -11.56 43.66 -9.01
N LYS A 3 -12.49 42.82 -9.44
CA LYS A 3 -13.82 42.75 -8.84
C LYS A 3 -13.83 41.82 -7.63
N LEU A 4 -12.67 41.27 -7.31
CA LEU A 4 -12.52 40.41 -6.13
C LEU A 4 -12.38 41.21 -4.84
N ASP A 5 -11.61 42.30 -4.90
CA ASP A 5 -11.29 43.07 -3.70
C ASP A 5 -12.50 43.42 -2.85
N SER A 6 -13.62 43.76 -3.48
CA SER A 6 -14.78 44.25 -2.76
C SER A 6 -15.42 43.17 -1.88
N LEU A 7 -15.20 41.91 -2.22
CA LEU A 7 -15.86 40.80 -1.51
C LEU A 7 -15.23 40.50 -0.15
N LEU A 8 -14.08 41.11 0.11
CA LEU A 8 -13.43 40.99 1.42
C LEU A 8 -13.75 42.17 2.33
N LYS A 9 -14.49 43.15 1.83
CA LYS A 9 -15.03 44.16 2.72
C LYS A 9 -15.99 43.40 3.62
N GLU A 10 -16.71 42.48 3.00
CA GLU A 10 -17.81 41.75 3.62
C GLU A 10 -17.39 40.83 4.75
N LEU A 11 -16.10 40.75 5.02
CA LEU A 11 -15.58 39.87 6.05
C LEU A 11 -15.02 40.64 7.23
N PRO A 12 -14.99 39.99 8.42
CA PRO A 12 -14.32 40.56 9.59
C PRO A 12 -12.91 40.95 9.19
N THR A 13 -12.49 42.16 9.56
CA THR A 13 -11.23 42.71 9.07
C THR A 13 -10.09 41.70 9.18
N ARG A 14 -9.96 41.07 10.35
CA ARG A 14 -8.83 40.19 10.62
C ARG A 14 -8.79 38.98 9.69
N THR A 15 -9.93 38.33 9.47
CA THR A 15 -9.94 37.14 8.61
C THR A 15 -10.06 37.50 7.12
N ALA A 16 -10.21 38.79 6.84
CA ALA A 16 -10.06 39.30 5.48
C ALA A 16 -8.58 39.53 5.18
N HIS A 17 -7.86 39.99 6.19
CA HIS A 17 -6.44 40.26 6.10
C HIS A 17 -5.66 38.96 5.99
N LEU A 18 -5.89 38.06 6.94
CA LEU A 18 -5.24 36.76 6.92
C LEU A 18 -5.35 36.19 5.50
N TYR A 19 -6.55 36.20 4.93
CA TYR A 19 -6.77 35.75 3.56
C TYR A 19 -5.93 36.54 2.56
N ARG A 20 -5.96 37.87 2.66
CA ARG A 20 -5.18 38.67 1.72
C ARG A 20 -3.76 38.12 1.64
N SER A 21 -3.18 37.88 2.81
CA SER A 21 -1.79 37.42 2.88
C SER A 21 -1.61 36.01 2.34
N ILE A 22 -2.48 35.09 2.75
CA ILE A 22 -2.43 33.74 2.20
C ILE A 22 -2.38 33.81 0.68
N TRP A 23 -3.25 34.63 0.11
CA TRP A 23 -3.32 34.86 -1.32
C TRP A 23 -2.00 35.33 -1.91
N HIS A 24 -1.49 36.43 -1.38
CA HIS A 24 -0.22 36.95 -1.86
C HIS A 24 0.83 35.84 -1.89
N LYS A 25 0.93 35.08 -0.80
CA LYS A 25 1.84 33.95 -0.72
C LYS A 25 1.66 33.00 -1.89
N TYR A 26 0.42 32.58 -2.09
CA TYR A 26 0.09 31.52 -3.02
C TYR A 26 0.33 31.90 -4.47
N THR A 27 -0.03 33.12 -4.83
CA THR A 27 0.18 33.56 -6.21
C THR A 27 1.63 33.97 -6.48
N GLU A 28 2.28 34.50 -5.44
CA GLU A 28 3.70 34.84 -5.53
C GLU A 28 4.55 33.57 -5.63
N TRP A 29 4.01 32.46 -5.14
CA TRP A 29 4.59 31.15 -5.37
C TRP A 29 4.26 30.69 -6.79
N LEU A 30 2.99 30.81 -7.14
CA LEU A 30 2.46 30.37 -8.44
C LEU A 30 3.18 31.04 -9.61
N LYS A 31 3.86 32.14 -9.35
CA LYS A 31 4.72 32.76 -10.37
C LYS A 31 5.88 31.84 -10.71
N THR A 32 6.01 30.76 -9.95
CA THR A 32 7.11 29.81 -10.09
C THR A 32 6.82 28.67 -11.06
N MET A 33 5.59 28.62 -11.57
CA MET A 33 5.18 27.55 -12.47
C MET A 33 4.73 28.12 -13.82
N PRO A 34 4.73 27.28 -14.88
CA PRO A 34 4.49 27.79 -16.23
C PRO A 34 3.17 28.56 -16.36
N ASP A 35 2.16 28.11 -15.61
CA ASP A 35 0.83 28.71 -15.64
C ASP A 35 -0.05 28.17 -14.51
N ASP A 40 -7.93 32.81 -17.26
CA ASP A 40 -6.89 33.14 -16.27
C ASP A 40 -7.49 33.40 -14.89
N LEU A 41 -8.52 32.64 -14.48
CA LEU A 41 -9.17 32.86 -13.17
C LEU A 41 -9.28 31.66 -12.21
N LYS A 42 -10.22 30.78 -12.51
CA LYS A 42 -10.59 29.68 -11.60
C LYS A 42 -9.58 28.56 -11.74
N LEU A 43 -9.01 28.48 -12.93
CA LEU A 43 -7.99 27.50 -13.26
C LEU A 43 -6.79 27.63 -12.33
N PHE A 44 -6.62 28.81 -11.74
CA PHE A 44 -5.53 29.06 -10.80
C PHE A 44 -5.74 28.25 -9.53
N LEU A 45 -6.99 27.90 -9.27
CA LEU A 45 -7.30 27.06 -8.15
C LEU A 45 -7.68 25.70 -8.68
N SER A 46 -6.78 24.75 -8.46
CA SER A 46 -7.02 23.37 -8.78
C SER A 46 -6.41 22.60 -7.62
N GLN A 47 -6.99 21.45 -7.31
CA GLN A 47 -6.47 20.64 -6.22
C GLN A 47 -4.97 20.48 -6.37
N LYS A 48 -4.53 20.23 -7.61
CA LYS A 48 -3.13 19.99 -7.90
C LYS A 48 -2.19 21.05 -7.29
N TYR A 49 -2.49 22.31 -7.58
CA TYR A 49 -1.61 23.40 -7.20
C TYR A 49 -1.69 23.72 -5.72
N ILE A 50 -2.90 23.68 -5.17
CA ILE A 50 -3.11 23.96 -3.74
C ILE A 50 -2.41 22.91 -2.88
N VAL A 51 -2.59 21.65 -3.26
CA VAL A 51 -1.97 20.53 -2.57
C VAL A 51 -0.45 20.59 -2.68
N LYS A 52 0.06 20.79 -3.89
CA LYS A 52 1.50 20.97 -4.04
C LYS A 52 2.02 22.08 -3.12
N TYR A 53 1.36 23.24 -3.16
CA TYR A 53 1.75 24.37 -2.32
C TYR A 53 1.82 23.98 -0.87
N ILE A 54 0.74 23.39 -0.37
CA ILE A 54 0.63 23.08 1.05
C ILE A 54 1.70 22.10 1.51
N ALA A 55 1.86 21.00 0.78
CA ALA A 55 2.80 19.96 1.21
C ALA A 55 4.27 20.37 1.01
N SER A 56 4.53 21.22 0.02
CA SER A 56 5.90 21.63 -0.30
C SER A 56 6.43 22.70 0.63
N HIS A 57 5.58 23.23 1.50
CA HIS A 57 5.99 24.25 2.45
C HIS A 57 5.81 23.80 3.89
N ASP A 58 6.91 23.59 4.60
CA ASP A 58 6.84 23.14 5.98
C ASP A 58 6.03 24.12 6.82
N ASP A 59 6.31 25.41 6.66
CA ASP A 59 5.59 26.47 7.35
C ASP A 59 4.08 26.25 7.24
N ILE A 60 3.62 26.00 6.02
CA ILE A 60 2.21 25.76 5.77
C ILE A 60 1.81 24.35 6.19
N ALA A 61 2.63 23.37 5.80
CA ALA A 61 2.33 21.96 6.09
C ALA A 61 2.00 21.71 7.57
N LYS A 62 2.74 22.33 8.47
CA LYS A 62 2.49 22.16 9.90
C LYS A 62 1.16 22.75 10.36
N ASP A 63 0.69 23.79 9.67
CA ASP A 63 -0.59 24.43 10.02
C ASP A 63 -1.40 24.78 8.77
N PRO A 64 -1.93 23.76 8.09
CA PRO A 64 -2.64 23.84 6.80
C PRO A 64 -4.03 24.47 6.89
N LEU A 65 -4.64 24.45 8.06
CA LEU A 65 -6.07 24.76 8.16
C LEU A 65 -6.49 26.16 7.70
N PRO A 66 -5.83 27.21 8.20
CA PRO A 66 -6.26 28.56 7.79
C PRO A 66 -6.16 28.68 6.29
N THR A 67 -5.13 28.06 5.73
CA THR A 67 -4.94 28.02 4.29
C THR A 67 -6.12 27.36 3.58
N CYS A 68 -6.49 26.17 4.03
CA CYS A 68 -7.60 25.45 3.42
C CYS A 68 -8.89 26.26 3.46
N ASP A 69 -9.20 26.83 4.62
CA ASP A 69 -10.39 27.66 4.73
C ASP A 69 -10.32 28.84 3.77
N ALA A 70 -9.14 29.45 3.69
CA ALA A 70 -8.94 30.54 2.73
C ALA A 70 -9.32 30.06 1.33
N MET A 71 -8.73 28.97 0.89
CA MET A 71 -8.97 28.42 -0.44
C MET A 71 -10.43 28.08 -0.73
N ILE A 72 -11.10 27.41 0.21
CA ILE A 72 -12.50 27.06 0.00
C ILE A 72 -13.29 28.36 -0.14
N TRP A 73 -12.92 29.36 0.64
CA TRP A 73 -13.52 30.67 0.48
C TRP A 73 -13.32 31.24 -0.91
N PHE A 74 -12.06 31.53 -1.27
CA PHE A 74 -11.76 32.13 -2.57
C PHE A 74 -12.50 31.38 -3.68
N SER A 75 -12.47 30.06 -3.59
CA SER A 75 -13.17 29.21 -4.56
C SER A 75 -14.66 29.54 -4.62
N ARG A 76 -15.40 29.21 -3.56
CA ARG A 76 -16.84 29.42 -3.61
C ARG A 76 -17.13 30.91 -3.73
N ALA A 77 -16.14 31.72 -3.32
CA ALA A 77 -16.25 33.18 -3.38
C ALA A 77 -15.91 33.65 -4.78
N LEU A 78 -15.66 32.69 -5.67
CA LEU A 78 -15.59 32.92 -7.10
C LEU A 78 -16.72 32.09 -7.66
N ASP A 79 -16.84 32.01 -8.98
CA ASP A 79 -17.89 31.16 -9.50
C ASP A 79 -17.32 29.77 -9.71
N ILE A 80 -17.75 28.86 -8.84
CA ILE A 80 -17.32 27.47 -8.84
C ILE A 80 -18.47 26.62 -8.32
N GLU A 81 -18.70 25.46 -8.94
CA GLU A 81 -19.83 24.62 -8.59
C GLU A 81 -19.83 24.21 -7.11
N ASN A 82 -21.02 24.18 -6.51
CA ASN A 82 -21.17 23.84 -5.10
C ASN A 82 -20.66 22.44 -4.76
N ASN A 83 -21.19 21.45 -5.45
CA ASN A 83 -20.72 20.08 -5.29
C ASN A 83 -19.21 20.05 -5.51
N ASP A 84 -18.75 20.80 -6.50
CA ASP A 84 -17.34 20.88 -6.83
C ASP A 84 -16.49 21.42 -5.67
N VAL A 85 -16.81 22.63 -5.23
CA VAL A 85 -16.08 23.22 -4.12
C VAL A 85 -16.05 22.24 -2.95
N LEU A 86 -17.19 21.61 -2.67
CA LEU A 86 -17.21 20.68 -1.55
C LEU A 86 -16.33 19.46 -1.77
N VAL A 87 -16.17 19.00 -3.01
CA VAL A 87 -15.23 17.91 -3.27
C VAL A 87 -13.81 18.41 -2.98
N LEU A 88 -13.55 19.68 -3.31
CA LEU A 88 -12.26 20.25 -2.98
C LEU A 88 -12.03 20.21 -1.47
N GLN A 89 -13.02 20.67 -0.72
CA GLN A 89 -12.96 20.61 0.73
C GLN A 89 -12.61 19.21 1.19
N GLN A 90 -13.29 18.23 0.60
CA GLN A 90 -13.04 16.83 0.90
C GLN A 90 -11.56 16.52 0.73
N ARG A 91 -11.02 16.83 -0.44
CA ARG A 91 -9.61 16.53 -0.69
C ARG A 91 -8.69 17.19 0.33
N LEU A 92 -8.94 18.47 0.61
CA LEU A 92 -8.08 19.19 1.53
C LEU A 92 -8.07 18.55 2.91
N TYR A 93 -9.25 18.43 3.51
CA TYR A 93 -9.36 17.77 4.82
C TYR A 93 -8.65 16.39 4.81
N GLY A 94 -8.81 15.64 3.74
CA GLY A 94 -8.08 14.39 3.60
C GLY A 94 -6.58 14.61 3.71
N LEU A 95 -6.09 15.61 2.98
CA LEU A 95 -4.67 15.94 3.00
C LEU A 95 -4.19 16.26 4.43
N VAL A 96 -4.98 17.01 5.19
CA VAL A 96 -4.55 17.36 6.53
C VAL A 96 -4.51 16.08 7.39
N LYS A 97 -5.55 15.26 7.29
CA LYS A 97 -5.56 14.03 8.08
C LYS A 97 -4.27 13.28 7.80
N LEU A 98 -3.91 13.25 6.52
CA LEU A 98 -2.71 12.58 6.05
C LEU A 98 -1.43 13.14 6.68
N LEU A 99 -1.27 14.46 6.61
CA LEU A 99 -0.06 15.10 7.11
C LEU A 99 0.09 14.97 8.63
N GLU A 100 -1.02 15.09 9.35
CA GLU A 100 -0.96 15.14 10.81
C GLU A 100 -0.87 13.76 11.47
N PHE A 101 -1.28 12.72 10.74
CA PHE A 101 -1.37 11.38 11.30
C PHE A 101 -0.03 10.85 11.80
N ASP A 102 -0.06 10.13 12.91
CA ASP A 102 1.13 9.47 13.43
C ASP A 102 0.92 7.97 13.37
N TYR A 103 1.60 7.31 12.46
CA TYR A 103 1.46 5.86 12.32
C TYR A 103 2.15 5.16 13.47
N SER A 104 2.99 5.90 14.20
CA SER A 104 3.85 5.33 15.24
C SER A 104 3.07 4.51 16.28
N ASN A 105 1.75 4.70 16.31
CA ASN A 105 0.92 3.98 17.26
C ASN A 105 0.43 2.66 16.68
N VAL A 106 -0.34 2.76 15.60
CA VAL A 106 -0.90 1.58 14.94
C VAL A 106 0.15 0.55 14.48
N ILE A 107 1.37 1.02 14.22
CA ILE A 107 2.40 0.19 13.60
C ILE A 107 2.61 -1.18 14.24
N ALA A 108 2.74 -1.24 15.56
CA ALA A 108 3.08 -2.50 16.21
C ALA A 108 1.97 -3.54 16.11
N ILE A 109 0.79 -3.14 15.63
CA ILE A 109 -0.26 -4.13 15.39
C ILE A 109 0.06 -4.84 14.10
N LEU A 110 0.49 -4.05 13.12
CA LEU A 110 1.03 -4.60 11.89
C LEU A 110 2.16 -5.58 12.24
N GLN A 111 3.27 -5.05 12.73
CA GLN A 111 4.43 -5.85 13.11
C GLN A 111 4.00 -7.08 13.88
N LYS A 112 3.44 -6.86 15.07
CA LYS A 112 3.06 -7.97 15.93
C LYS A 112 2.34 -9.08 15.17
N ILE A 113 1.47 -8.71 14.23
CA ILE A 113 0.79 -9.73 13.44
C ILE A 113 1.72 -10.34 12.38
N SER A 114 2.22 -9.49 11.49
CA SER A 114 2.77 -9.97 10.23
C SER A 114 3.69 -11.15 10.56
N ILE A 115 4.64 -10.88 11.43
CA ILE A 115 5.61 -11.88 11.90
C ILE A 115 4.97 -13.23 12.24
N ASN A 116 4.07 -13.23 13.22
CA ASN A 116 3.36 -14.45 13.62
C ASN A 116 2.69 -15.19 12.46
N LEU A 117 2.16 -14.45 11.49
CA LEU A 117 1.52 -15.05 10.34
C LEU A 117 2.51 -15.59 9.30
N TRP A 118 3.75 -15.08 9.33
CA TRP A 118 4.83 -15.66 8.56
C TRP A 118 5.31 -16.96 9.20
N ASN A 119 5.37 -16.99 10.53
CA ASN A 119 5.93 -18.12 11.25
C ASN A 119 5.24 -19.43 10.89
N PRO A 120 6.00 -20.35 10.28
CA PRO A 120 5.46 -21.58 9.71
C PRO A 120 4.98 -22.55 10.77
N SER A 121 5.57 -22.49 11.97
CA SER A 121 5.10 -23.36 13.04
C SER A 121 4.40 -22.56 14.15
N THR A 122 3.09 -22.68 14.19
CA THR A 122 2.30 -22.06 15.23
C THR A 122 1.66 -23.18 16.02
N ASP A 123 2.19 -23.41 17.22
CA ASP A 123 1.75 -24.52 18.06
C ASP A 123 0.50 -24.19 18.85
N SER A 124 0.48 -22.98 19.40
CA SER A 124 -0.61 -22.52 20.25
C SER A 124 -1.91 -22.43 19.47
N LEU A 125 -1.82 -22.57 18.15
CA LEU A 125 -2.98 -22.45 17.30
C LEU A 125 -3.60 -23.83 17.10
N GLN A 126 -4.74 -24.06 17.74
CA GLN A 126 -5.49 -25.29 17.55
C GLN A 126 -6.67 -25.09 16.60
N SER A 127 -6.81 -23.87 16.09
CA SER A 127 -7.96 -23.52 15.26
C SER A 127 -7.92 -24.14 13.87
N LYS A 128 -9.10 -24.51 13.37
CA LYS A 128 -9.26 -25.28 12.15
C LYS A 128 -8.51 -24.74 10.94
N HIS A 129 -8.75 -23.47 10.61
CA HIS A 129 -8.13 -22.90 9.42
C HIS A 129 -6.64 -22.72 9.70
N PHE A 130 -5.92 -22.16 8.73
CA PHE A 130 -4.50 -21.87 8.92
C PHE A 130 -3.63 -23.13 9.07
N LYS A 131 -4.04 -24.24 8.46
CA LYS A 131 -3.22 -25.44 8.48
C LYS A 131 -1.96 -25.21 7.67
N THR A 132 -2.12 -24.65 6.48
CA THR A 132 -1.01 -24.42 5.56
C THR A 132 -0.34 -23.08 5.83
N CYS A 133 0.68 -22.76 5.04
CA CYS A 133 1.27 -21.44 5.06
C CYS A 133 0.56 -20.52 4.05
N GLN A 134 -0.23 -21.13 3.16
CA GLN A 134 -0.94 -20.37 2.15
C GLN A 134 -2.18 -19.71 2.73
N ASP A 135 -2.78 -20.34 3.75
CA ASP A 135 -3.91 -19.72 4.44
C ASP A 135 -3.44 -18.51 5.24
N LYS A 136 -2.41 -18.73 6.07
CA LYS A 136 -1.76 -17.65 6.79
C LYS A 136 -1.40 -16.50 5.85
N LEU A 137 -0.75 -16.81 4.74
CA LEU A 137 -0.35 -15.76 3.82
C LEU A 137 -1.53 -15.06 3.13
N LYS A 138 -2.59 -15.81 2.86
CA LYS A 138 -3.76 -15.22 2.22
C LYS A 138 -4.31 -14.13 3.13
N LEU A 139 -4.61 -14.53 4.37
CA LEU A 139 -5.09 -13.54 5.33
C LEU A 139 -4.10 -12.39 5.41
N LEU A 140 -2.85 -12.70 5.70
CA LEU A 140 -1.84 -11.68 5.93
C LEU A 140 -1.80 -10.67 4.80
N LEU A 141 -1.98 -11.12 3.57
CA LEU A 141 -1.98 -10.19 2.43
C LEU A 141 -3.21 -9.32 2.54
N ASP A 142 -4.36 -9.91 2.80
CA ASP A 142 -5.54 -9.06 2.95
C ASP A 142 -5.37 -7.97 4.02
N PHE A 143 -4.85 -8.37 5.18
CA PHE A 143 -4.56 -7.43 6.27
C PHE A 143 -3.54 -6.36 5.89
N GLN A 144 -2.34 -6.78 5.46
CA GLN A 144 -1.28 -5.84 5.13
C GLN A 144 -1.78 -4.86 4.07
N TRP A 145 -2.68 -5.37 3.22
CA TRP A 145 -3.24 -4.61 2.12
C TRP A 145 -4.17 -3.53 2.65
N LYS A 146 -5.16 -3.90 3.46
CA LYS A 146 -6.04 -2.91 4.08
C LYS A 146 -5.20 -1.88 4.82
N PHE A 147 -4.36 -2.37 5.71
CA PHE A 147 -3.48 -1.54 6.50
C PHE A 147 -2.72 -0.50 5.65
N ASN A 148 -2.18 -0.90 4.50
CA ASN A 148 -1.44 0.04 3.67
C ASN A 148 -2.29 0.98 2.79
N THR A 149 -3.33 0.41 2.18
CA THR A 149 -4.21 1.17 1.28
C THR A 149 -5.47 1.74 1.93
N ASN A 150 -5.80 1.31 3.13
CA ASN A 150 -7.08 1.63 3.78
C ASN A 150 -8.31 1.57 2.87
N VAL A 151 -8.65 0.36 2.39
CA VAL A 151 -9.77 0.19 1.46
C VAL A 151 -10.94 -0.66 2.01
N SER A 152 -12.15 -0.38 1.54
CA SER A 152 -13.31 -1.19 1.88
C SER A 152 -13.08 -2.64 1.49
N PHE A 153 -13.66 -3.57 2.23
CA PHE A 153 -13.56 -4.98 1.86
C PHE A 153 -14.23 -5.25 0.53
N GLU A 154 -15.49 -4.87 0.42
CA GLU A 154 -16.25 -5.08 -0.80
C GLU A 154 -15.41 -4.64 -2.00
N ASP A 155 -14.89 -3.42 -1.92
CA ASP A 155 -14.01 -2.91 -2.97
C ASP A 155 -12.79 -3.80 -3.13
N ARG A 156 -12.28 -4.32 -2.02
CA ARG A 156 -11.14 -5.23 -2.07
C ARG A 156 -11.45 -6.41 -3.00
N THR A 157 -12.68 -6.90 -2.96
CA THR A 157 -13.08 -8.00 -3.82
C THR A 157 -13.46 -7.54 -5.22
N THR A 158 -13.65 -6.23 -5.40
CA THR A 158 -13.99 -5.73 -6.73
C THR A 158 -12.80 -5.73 -7.72
N VAL A 159 -11.59 -5.66 -7.20
CA VAL A 159 -10.42 -5.46 -8.06
C VAL A 159 -9.91 -6.74 -8.74
N SER A 160 -9.92 -6.71 -10.07
CA SER A 160 -9.37 -7.80 -10.89
C SER A 160 -7.88 -7.53 -11.14
N LEU A 161 -6.99 -8.45 -10.76
CA LEU A 161 -5.54 -8.19 -10.90
C LEU A 161 -5.08 -7.88 -12.34
N LYS A 162 -5.87 -8.27 -13.35
CA LYS A 162 -5.57 -7.81 -14.69
C LYS A 162 -5.70 -6.28 -14.78
N ASP A 163 -6.46 -5.70 -13.85
CA ASP A 163 -6.57 -4.25 -13.71
C ASP A 163 -5.29 -3.63 -13.23
N LEU A 164 -4.56 -4.38 -12.39
CA LEU A 164 -3.34 -3.84 -11.78
C LEU A 164 -2.32 -3.39 -12.81
N GLN A 165 -1.53 -2.38 -12.44
CA GLN A 165 -0.55 -1.81 -13.35
C GLN A 165 0.79 -1.68 -12.66
N CYS A 166 1.81 -2.38 -13.16
CA CYS A 166 3.12 -2.24 -12.57
C CYS A 166 3.69 -0.87 -12.87
N ILE A 167 4.24 -0.24 -11.85
CA ILE A 167 4.99 0.99 -12.01
C ILE A 167 6.46 0.66 -11.88
N LEU A 168 7.17 0.78 -12.99
CA LEU A 168 8.61 0.73 -12.94
C LEU A 168 9.12 1.96 -13.66
N ASP A 169 9.68 2.87 -12.88
CA ASP A 169 10.33 4.06 -13.40
C ASP A 169 11.68 4.11 -12.74
N ASP A 170 12.73 3.88 -13.53
CA ASP A 170 14.09 3.94 -13.01
C ASP A 170 14.72 5.30 -13.24
N GLU A 171 14.03 6.15 -14.01
CA GLU A 171 14.46 7.53 -14.16
C GLU A 171 14.34 8.24 -12.82
N ASN A 172 13.17 8.12 -12.18
CA ASN A 172 12.94 8.69 -10.86
C ASN A 172 13.10 7.69 -9.70
N GLY A 173 13.43 6.44 -10.02
CA GLY A 173 13.64 5.43 -9.00
C GLY A 173 12.38 5.07 -8.24
N LYS A 174 11.35 4.61 -8.95
CA LYS A 174 10.10 4.20 -8.31
C LYS A 174 9.65 2.83 -8.80
N CYS A 175 9.02 2.06 -7.92
CA CYS A 175 8.39 0.80 -8.31
C CYS A 175 7.21 0.49 -7.42
N GLY A 176 6.18 -0.14 -7.99
CA GLY A 176 5.04 -0.53 -7.19
C GLY A 176 3.88 -1.10 -8.00
N LEU A 177 2.77 -1.36 -7.33
CA LEU A 177 1.58 -1.87 -7.99
C LEU A 177 0.43 -0.87 -7.86
N ALA A 178 -0.10 -0.40 -8.99
CA ALA A 178 -1.08 0.67 -8.96
C ALA A 178 -2.44 0.24 -9.48
N HIS A 179 -3.49 0.89 -8.98
CA HIS A 179 -4.84 0.68 -9.51
C HIS A 179 -5.49 2.03 -9.68
N SER A 180 -5.81 2.37 -10.92
CA SER A 180 -6.45 3.65 -11.23
C SER A 180 -7.96 3.48 -11.38
N SER A 181 -8.41 2.24 -11.23
CA SER A 181 -9.83 1.90 -11.36
C SER A 181 -10.59 2.15 -10.05
N LYS A 182 -11.80 1.60 -9.94
CA LYS A 182 -12.77 2.06 -8.95
C LYS A 182 -12.17 2.32 -7.56
N PRO A 183 -11.58 1.29 -6.91
CA PRO A 183 -10.75 1.69 -5.77
C PRO A 183 -9.42 2.24 -6.29
N ASN A 184 -8.94 3.31 -5.67
CA ASN A 184 -7.79 4.03 -6.20
C ASN A 184 -6.64 3.91 -5.22
N PHE A 185 -5.58 3.19 -5.59
CA PHE A 185 -4.47 3.01 -4.66
C PHE A 185 -3.12 2.66 -5.29
N VAL A 186 -2.06 2.79 -4.49
CA VAL A 186 -0.70 2.43 -4.91
C VAL A 186 0.10 1.70 -3.82
N LEU A 187 0.57 0.49 -4.13
CA LEU A 187 1.39 -0.29 -3.21
C LEU A 187 2.87 -0.22 -3.55
N VAL A 188 3.72 -0.21 -2.52
CA VAL A 188 5.16 -0.04 -2.71
C VAL A 188 5.92 -1.03 -1.83
N PRO A 189 7.00 -1.62 -2.37
CA PRO A 189 7.76 -2.61 -1.61
C PRO A 189 8.53 -2.00 -0.43
N ASN A 190 8.41 -2.59 0.75
CA ASN A 190 9.30 -2.21 1.84
C ASN A 190 10.47 -3.17 1.84
N PHE A 191 11.65 -2.66 1.47
CA PHE A 191 12.85 -3.49 1.46
C PHE A 191 13.52 -3.42 2.82
N GLN A 192 13.08 -2.46 3.63
CA GLN A 192 13.61 -2.30 4.98
C GLN A 192 12.99 -3.34 5.92
N SER A 193 11.75 -3.72 5.63
CA SER A 193 11.00 -4.66 6.46
C SER A 193 10.15 -5.59 5.59
N PRO A 194 10.81 -6.56 4.96
CA PRO A 194 10.14 -7.48 4.02
C PRO A 194 8.89 -8.13 4.61
N PHE A 195 8.95 -8.50 5.89
CA PHE A 195 7.84 -9.24 6.49
C PHE A 195 6.59 -8.41 6.53
N THR A 196 6.73 -7.14 6.89
CA THR A 196 5.63 -6.20 6.95
C THR A 196 5.36 -5.58 5.57
N CYS A 197 6.08 -6.07 4.56
CA CYS A 197 5.82 -5.69 3.18
C CYS A 197 4.76 -6.57 2.52
N PRO A 198 3.68 -5.96 2.02
CA PRO A 198 2.53 -6.63 1.42
C PRO A 198 2.84 -7.23 0.08
N ILE A 199 3.82 -6.66 -0.61
CA ILE A 199 4.19 -7.14 -1.94
C ILE A 199 5.06 -8.40 -1.87
N PHE A 200 5.98 -8.42 -0.92
CA PHE A 200 6.76 -9.62 -0.66
C PHE A 200 5.80 -10.72 -0.29
N THR A 201 4.89 -10.39 0.61
CA THR A 201 3.82 -11.28 1.02
C THR A 201 3.12 -11.82 -0.22
N MET A 202 2.74 -10.92 -1.12
CA MET A 202 2.00 -11.31 -2.29
C MET A 202 2.84 -12.18 -3.23
N ALA A 203 4.14 -12.00 -3.17
CA ALA A 203 5.05 -12.74 -4.03
C ALA A 203 5.11 -14.17 -3.56
N VAL A 204 5.39 -14.37 -2.27
CA VAL A 204 5.40 -15.73 -1.75
C VAL A 204 4.04 -16.37 -2.00
N TYR A 205 2.99 -15.71 -1.54
CA TYR A 205 1.65 -16.26 -1.69
C TYR A 205 1.37 -16.62 -3.13
N TYR A 206 1.89 -15.84 -4.06
CA TYR A 206 1.59 -16.06 -5.47
C TYR A 206 2.39 -17.22 -6.05
N TYR A 207 3.60 -17.41 -5.54
CA TYR A 207 4.37 -18.58 -5.90
C TYR A 207 3.60 -19.82 -5.44
N LEU A 208 3.20 -19.82 -4.18
CA LEU A 208 2.43 -20.93 -3.64
C LEU A 208 1.14 -21.17 -4.41
N ARG A 209 0.48 -20.09 -4.79
CA ARG A 209 -0.82 -20.14 -5.45
C ARG A 209 -0.69 -20.71 -6.84
N PHE A 210 0.35 -20.27 -7.54
CA PHE A 210 0.46 -20.55 -8.97
C PHE A 210 1.41 -21.70 -9.32
N HIS A 211 2.69 -21.54 -8.99
CA HIS A 211 3.63 -22.64 -9.13
C HIS A 211 3.19 -23.83 -8.26
N GLY A 212 2.74 -23.52 -7.04
CA GLY A 212 2.39 -24.56 -6.09
C GLY A 212 3.67 -25.17 -5.54
N VAL A 213 3.54 -26.20 -4.73
CA VAL A 213 4.71 -26.93 -4.27
C VAL A 213 4.62 -28.39 -4.72
N LYS A 214 5.58 -28.79 -5.54
CA LYS A 214 5.59 -30.12 -6.14
C LYS A 214 5.43 -31.23 -5.10
N LYS A 215 4.48 -32.12 -5.35
CA LYS A 215 4.19 -33.26 -4.47
C LYS A 215 3.42 -32.91 -3.19
N TYR A 216 3.20 -31.62 -2.95
CA TYR A 216 2.45 -31.21 -1.76
C TYR A 216 1.16 -30.51 -2.15
N TYR A 217 1.29 -29.33 -2.74
CA TYR A 217 0.15 -28.49 -3.06
C TYR A 217 0.15 -28.12 -4.51
N LYS A 218 -0.91 -28.52 -5.21
CA LYS A 218 -1.07 -28.16 -6.61
C LYS A 218 -1.04 -26.65 -6.76
N GLY A 219 -0.18 -26.17 -7.64
CA GLY A 219 -0.28 -24.81 -8.11
C GLY A 219 -1.57 -24.75 -8.91
N ASP A 220 -2.06 -23.55 -9.17
CA ASP A 220 -3.26 -23.42 -10.00
C ASP A 220 -2.87 -23.53 -11.47
N GLY A 221 -1.58 -23.28 -11.74
CA GLY A 221 -1.06 -23.20 -13.09
C GLY A 221 -1.06 -21.76 -13.56
N TYR A 222 -0.07 -21.39 -14.36
CA TYR A 222 0.03 -20.01 -14.84
C TYR A 222 -0.79 -19.83 -16.10
N GLN A 223 -1.48 -20.89 -16.51
CA GLN A 223 -2.24 -20.87 -17.76
C GLN A 223 -3.55 -20.12 -17.63
N ILE A 224 -4.16 -20.18 -16.45
CA ILE A 224 -5.50 -19.65 -16.26
C ILE A 224 -5.55 -18.12 -16.27
N LEU A 225 -4.38 -17.48 -16.30
CA LEU A 225 -4.31 -16.02 -16.34
C LEU A 225 -4.84 -15.44 -17.65
N SER A 226 -5.15 -16.33 -18.59
CA SER A 226 -5.79 -15.94 -19.84
C SER A 226 -7.28 -16.35 -19.87
N GLN A 227 -7.51 -17.66 -19.79
CA GLN A 227 -8.85 -18.22 -19.89
C GLN A 227 -9.86 -17.64 -18.90
N LEU A 228 -9.38 -16.99 -17.85
CA LEU A 228 -10.25 -16.37 -16.85
C LEU A 228 -10.41 -14.87 -17.04
N GLU A 229 -11.62 -14.37 -16.82
CA GLU A 229 -11.92 -12.95 -17.00
C GLU A 229 -11.54 -12.08 -15.80
N HIS A 230 -11.73 -12.61 -14.60
CA HIS A 230 -11.41 -11.86 -13.38
C HIS A 230 -10.51 -12.67 -12.46
N ILE A 231 -9.28 -12.22 -12.27
CA ILE A 231 -8.36 -12.90 -11.38
C ILE A 231 -8.29 -12.15 -10.06
N PRO A 232 -8.90 -12.73 -9.00
CA PRO A 232 -8.96 -12.08 -7.69
C PRO A 232 -7.62 -12.08 -6.97
N ILE A 233 -7.33 -10.99 -6.25
CA ILE A 233 -6.05 -10.86 -5.56
C ILE A 233 -5.79 -11.99 -4.58
N ILE A 234 -6.85 -12.52 -3.98
CA ILE A 234 -6.76 -13.72 -3.17
C ILE A 234 -7.97 -14.61 -3.45
N ARG A 235 -7.74 -15.90 -3.67
CA ARG A 235 -8.83 -16.78 -4.09
C ARG A 235 -9.47 -17.50 -2.92
N GLY A 236 -10.79 -17.68 -2.99
CA GLY A 236 -11.51 -18.52 -2.05
C GLY A 236 -11.58 -19.93 -2.60
N LYS A 237 -12.64 -20.64 -2.27
CA LYS A 237 -12.84 -21.98 -2.81
C LYS A 237 -12.73 -21.97 -4.32
N SER A 238 -13.49 -21.09 -4.96
CA SER A 238 -13.48 -20.98 -6.41
C SER A 238 -12.34 -20.11 -6.94
N LEU A 239 -11.73 -20.58 -8.04
CA LEU A 239 -10.60 -19.92 -8.71
C LEU A 239 -10.82 -18.44 -8.99
N ASP A 240 -12.02 -18.10 -9.45
CA ASP A 240 -12.30 -16.78 -10.01
C ASP A 240 -12.90 -15.77 -9.03
N GLN A 241 -13.07 -16.15 -7.77
CA GLN A 241 -13.75 -15.29 -6.80
C GLN A 241 -12.94 -15.04 -5.52
N TYR A 242 -13.11 -13.85 -4.96
CA TYR A 242 -12.51 -13.51 -3.69
C TYR A 242 -13.24 -14.31 -2.61
N PRO A 243 -12.56 -14.62 -1.50
CA PRO A 243 -13.21 -15.38 -0.42
C PRO A 243 -14.40 -14.57 0.12
N ARG A 244 -15.37 -15.25 0.70
CA ARG A 244 -16.56 -14.59 1.20
C ARG A 244 -16.28 -13.77 2.47
N GLU A 245 -17.14 -12.79 2.73
CA GLU A 245 -16.93 -11.84 3.82
C GLU A 245 -16.90 -12.47 5.21
N LEU A 246 -17.87 -13.32 5.50
CA LEU A 246 -17.95 -13.92 6.83
C LEU A 246 -16.77 -14.86 7.07
N THR A 247 -16.31 -15.53 6.01
CA THR A 247 -15.14 -16.40 6.10
C THR A 247 -13.95 -15.64 6.68
N LEU A 248 -13.47 -14.64 5.93
CA LEU A 248 -12.41 -13.79 6.44
C LEU A 248 -12.75 -13.29 7.84
N GLY A 249 -14.00 -12.88 8.04
CA GLY A 249 -14.46 -12.40 9.33
C GLY A 249 -14.21 -13.39 10.46
N ASN A 250 -14.18 -14.68 10.12
CA ASN A 250 -13.78 -15.72 11.06
C ASN A 250 -12.27 -15.79 11.21
N TRP A 251 -11.59 -15.80 10.07
CA TRP A 251 -10.13 -15.92 10.08
C TRP A 251 -9.49 -14.85 10.95
N TYR A 252 -10.04 -13.64 10.91
CA TYR A 252 -9.45 -12.48 11.58
C TYR A 252 -9.38 -12.54 13.11
N PRO A 253 -10.53 -12.67 13.78
CA PRO A 253 -10.45 -12.68 15.25
C PRO A 253 -9.55 -13.82 15.69
N THR A 254 -9.60 -14.92 14.93
CA THR A 254 -8.80 -16.10 15.22
C THR A 254 -7.33 -15.73 15.40
N ILE A 255 -6.82 -14.87 14.51
CA ILE A 255 -5.43 -14.46 14.58
C ILE A 255 -5.17 -13.39 15.65
N PHE A 256 -6.06 -12.40 15.71
CA PHE A 256 -5.96 -11.36 16.73
C PHE A 256 -5.96 -11.99 18.12
N LYS A 257 -6.82 -13.00 18.31
CA LYS A 257 -6.82 -13.75 19.55
C LYS A 257 -5.40 -14.21 19.86
N TYR A 258 -4.90 -15.12 19.03
CA TYR A 258 -3.57 -15.72 19.20
C TYR A 258 -2.47 -14.67 19.36
N CYS A 259 -2.67 -13.50 18.77
CA CYS A 259 -1.71 -12.40 18.92
C CYS A 259 -2.04 -11.56 20.16
N GLN A 260 -3.22 -11.79 20.73
CA GLN A 260 -3.65 -11.06 21.92
C GLN A 260 -3.77 -9.57 21.66
N LEU A 261 -4.34 -9.20 20.53
CA LEU A 261 -4.65 -7.81 20.26
C LEU A 261 -6.16 -7.70 20.13
N PRO A 262 -6.75 -6.60 20.60
CA PRO A 262 -8.20 -6.40 20.54
C PRO A 262 -8.65 -6.25 19.10
N TYR A 263 -9.82 -6.78 18.78
CA TYR A 263 -10.27 -6.84 17.39
C TYR A 263 -11.57 -6.09 17.16
N THR A 264 -11.57 -5.18 16.18
CA THR A 264 -12.79 -4.51 15.76
C THR A 264 -12.99 -4.68 14.26
N LYS A 265 -14.03 -5.43 13.89
CA LYS A 265 -14.30 -5.80 12.50
C LYS A 265 -14.42 -4.61 11.57
N LYS A 266 -15.12 -3.58 12.02
CA LYS A 266 -15.32 -2.36 11.25
C LYS A 266 -14.02 -1.76 10.75
N HIS A 267 -12.95 -1.97 11.51
CA HIS A 267 -11.64 -1.45 11.16
C HIS A 267 -11.15 -2.05 9.85
N TRP A 268 -11.26 -3.37 9.72
CA TRP A 268 -10.71 -4.03 8.55
C TRP A 268 -11.70 -4.32 7.43
N PHE A 269 -12.98 -4.25 7.72
CA PHE A 269 -13.96 -4.56 6.67
C PHE A 269 -14.60 -3.35 6.03
N GLN A 270 -14.29 -2.18 6.57
CA GLN A 270 -14.87 -0.93 6.12
C GLN A 270 -13.76 0.11 6.16
N VAL A 271 -14.01 1.25 5.54
CA VAL A 271 -13.01 2.31 5.59
C VAL A 271 -12.91 2.82 7.02
N ASN A 272 -11.70 3.10 7.45
CA ASN A 272 -11.44 3.59 8.79
C ASN A 272 -11.07 5.07 8.71
N GLN A 273 -11.95 5.94 9.22
CA GLN A 273 -11.83 7.38 9.01
C GLN A 273 -10.77 8.09 9.83
N GLU A 274 -10.52 7.64 11.06
CA GLU A 274 -9.43 8.21 11.83
C GLU A 274 -8.16 8.01 11.03
N TRP A 275 -8.24 7.09 10.08
CA TRP A 275 -7.14 6.77 9.16
C TRP A 275 -7.14 7.50 7.82
N PRO A 276 -5.93 7.84 7.34
CA PRO A 276 -5.60 8.39 6.02
C PRO A 276 -6.19 7.57 4.88
N GLN A 277 -6.50 8.24 3.77
CA GLN A 277 -7.05 7.61 2.57
C GLN A 277 -6.45 8.20 1.28
N PHE A 278 -6.50 7.44 0.19
CA PHE A 278 -6.19 8.01 -1.11
C PHE A 278 -7.39 8.84 -1.57
N PRO A 279 -7.14 9.89 -2.36
CA PRO A 279 -8.18 10.71 -2.98
C PRO A 279 -8.92 9.90 -4.02
N ASP A 280 -9.90 10.48 -4.71
CA ASP A 280 -10.49 9.78 -5.85
C ASP A 280 -10.33 10.55 -7.15
N PHE A 281 -10.10 9.80 -8.22
CA PHE A 281 -9.84 10.40 -9.53
C PHE A 281 -10.71 9.81 -10.64
N SER A 282 -11.51 10.69 -11.25
CA SER A 282 -12.31 10.35 -12.41
C SER A 282 -11.92 11.21 -13.59
N GLU A 293 2.63 4.19 -15.41
CA GLU A 293 2.40 5.53 -15.95
C GLU A 293 2.51 6.60 -14.88
N SER A 294 3.68 7.24 -14.78
CA SER A 294 3.94 8.21 -13.73
C SER A 294 4.84 9.35 -14.21
N ASP A 295 5.28 10.16 -13.25
CA ASP A 295 6.26 11.24 -13.50
C ASP A 295 7.01 11.58 -12.21
N SER A 296 7.77 12.65 -12.22
CA SER A 296 8.64 12.96 -11.08
C SER A 296 7.90 12.96 -9.74
N GLU A 297 6.89 13.82 -9.60
CA GLU A 297 6.22 14.02 -8.31
C GLU A 297 4.89 13.26 -8.05
N ASN A 298 4.40 12.53 -9.04
CA ASN A 298 3.17 11.73 -8.85
C ASN A 298 3.20 10.41 -9.62
N THR A 299 2.37 9.46 -9.20
CA THR A 299 2.48 8.14 -9.82
C THR A 299 1.30 7.78 -10.72
N ILE A 300 0.15 7.46 -10.16
CA ILE A 300 -0.97 7.12 -11.05
C ILE A 300 -1.82 8.37 -11.29
N GLY A 301 -2.56 8.81 -10.28
CA GLY A 301 -3.03 10.19 -10.27
C GLY A 301 -2.39 10.99 -9.16
N ILE A 302 -1.57 10.31 -8.35
CA ILE A 302 -1.35 10.68 -6.96
C ILE A 302 0.02 11.25 -6.62
N PRO A 303 0.06 12.39 -5.94
CA PRO A 303 1.30 12.95 -5.40
C PRO A 303 2.04 11.86 -4.63
N ASP A 304 3.36 11.83 -4.70
CA ASP A 304 4.13 10.74 -4.11
C ASP A 304 4.10 10.72 -2.58
N PHE A 305 4.04 11.89 -1.94
CA PHE A 305 4.05 11.90 -0.47
C PHE A 305 2.89 11.11 0.12
N TYR A 306 1.77 11.09 -0.59
CA TYR A 306 0.65 10.22 -0.22
C TYR A 306 1.13 8.79 -0.12
N ILE A 307 1.81 8.34 -1.18
CA ILE A 307 2.22 6.96 -1.33
C ILE A 307 3.33 6.55 -0.36
N GLU A 308 4.30 7.44 -0.13
CA GLU A 308 5.39 7.15 0.79
C GLU A 308 4.87 7.17 2.21
N LYS A 309 3.89 8.03 2.47
CA LYS A 309 3.31 8.13 3.80
C LYS A 309 2.44 6.93 4.14
N MET A 310 1.54 6.57 3.23
CA MET A 310 0.59 5.48 3.47
C MET A 310 1.24 4.10 3.43
N ASN A 311 2.24 3.95 2.57
CA ASN A 311 3.03 2.72 2.56
C ASN A 311 4.19 2.83 3.55
N ARG A 312 4.35 4.02 4.12
CA ARG A 312 5.35 4.26 5.16
C ARG A 312 6.75 3.77 4.81
N THR A 313 7.14 3.92 3.54
CA THR A 313 8.49 3.59 3.11
C THR A 313 8.93 4.57 2.06
N LYS A 314 10.24 4.87 2.01
CA LYS A 314 10.74 5.74 0.95
C LYS A 314 10.59 5.03 -0.39
N LEU A 315 10.43 5.80 -1.46
CA LEU A 315 10.30 5.24 -2.80
C LEU A 315 11.65 4.84 -3.37
N GLN A 316 11.74 3.61 -3.85
CA GLN A 316 13.00 3.10 -4.36
C GLN A 316 12.83 2.39 -5.69
N PRO A 317 13.87 2.46 -6.53
CA PRO A 317 13.90 1.79 -7.83
C PRO A 317 13.90 0.28 -7.64
N CYS A 318 13.36 -0.43 -8.62
CA CYS A 318 13.29 -1.89 -8.58
C CYS A 318 14.67 -2.52 -8.74
N PRO A 319 15.11 -3.29 -7.72
CA PRO A 319 16.41 -3.96 -7.74
C PRO A 319 16.46 -5.08 -8.80
N GLN A 320 17.54 -5.13 -9.58
CA GLN A 320 17.62 -6.13 -10.64
C GLN A 320 18.24 -7.46 -10.18
N VAL A 321 17.44 -8.52 -10.27
CA VAL A 321 17.88 -9.86 -9.90
C VAL A 321 18.12 -10.73 -11.14
N HIS A 322 19.07 -11.65 -11.05
CA HIS A 322 19.34 -12.53 -12.17
C HIS A 322 18.68 -13.92 -12.07
N VAL A 323 17.91 -14.13 -11.01
CA VAL A 323 17.25 -15.41 -10.80
C VAL A 323 15.74 -15.32 -11.02
N HIS A 324 15.17 -16.25 -11.76
CA HIS A 324 13.74 -16.20 -12.01
C HIS A 324 12.95 -17.35 -11.41
N LEU A 325 12.23 -17.04 -10.34
CA LEU A 325 11.30 -17.99 -9.72
C LEU A 325 9.96 -17.97 -10.44
N PHE A 326 9.57 -16.79 -10.91
CA PHE A 326 8.38 -16.64 -11.73
C PHE A 326 8.68 -16.77 -13.22
N PRO A 327 7.67 -17.11 -14.02
CA PRO A 327 7.80 -17.33 -15.46
C PRO A 327 8.30 -16.08 -16.18
N THR A 328 9.17 -16.26 -17.17
CA THR A 328 9.57 -15.17 -18.03
C THR A 328 8.78 -15.17 -19.34
N ASP A 329 7.86 -16.11 -19.49
CA ASP A 329 7.00 -16.18 -20.66
C ASP A 329 5.54 -15.97 -20.28
N LEU A 330 4.98 -14.83 -20.70
CA LEU A 330 3.59 -14.55 -20.35
C LEU A 330 2.97 -13.53 -21.28
N PRO A 331 1.67 -13.26 -21.08
CA PRO A 331 1.06 -12.10 -21.72
C PRO A 331 1.77 -10.85 -21.23
N PRO A 332 1.98 -9.86 -22.11
CA PRO A 332 2.71 -8.63 -21.77
C PRO A 332 2.07 -7.88 -20.61
N ASP A 333 0.74 -7.93 -20.55
CA ASP A 333 -0.01 -7.22 -19.53
C ASP A 333 0.47 -7.55 -18.12
N ILE A 334 0.48 -8.85 -17.80
CA ILE A 334 0.81 -9.30 -16.45
C ILE A 334 2.31 -9.42 -16.19
N GLN A 335 3.06 -9.54 -17.27
CA GLN A 335 4.47 -9.85 -17.11
C GLN A 335 5.09 -8.86 -16.12
N ALA A 336 5.01 -7.58 -16.44
CA ALA A 336 5.67 -6.55 -15.63
C ALA A 336 5.38 -6.75 -14.15
N VAL A 337 4.10 -7.00 -13.85
CA VAL A 337 3.70 -7.31 -12.50
C VAL A 337 4.55 -8.44 -11.93
N PHE A 338 4.56 -9.55 -12.65
CA PHE A 338 5.24 -10.72 -12.13
C PHE A 338 6.75 -10.56 -12.02
N ASP A 339 7.32 -9.64 -12.80
CA ASP A 339 8.74 -9.35 -12.70
C ASP A 339 9.00 -8.55 -11.43
N LEU A 340 8.08 -7.65 -11.11
CA LEU A 340 8.19 -6.91 -9.87
C LEU A 340 8.17 -7.90 -8.71
N LEU A 341 7.13 -8.74 -8.69
CA LEU A 341 7.01 -9.78 -7.69
C LEU A 341 8.30 -10.61 -7.63
N ASN A 342 8.84 -10.95 -8.79
CA ASN A 342 10.06 -11.73 -8.82
C ASN A 342 11.19 -11.02 -8.09
N SER A 343 11.40 -9.75 -8.40
CA SER A 343 12.48 -9.00 -7.77
C SER A 343 12.32 -8.87 -6.25
N VAL A 344 11.10 -8.57 -5.79
CA VAL A 344 10.91 -8.48 -4.34
C VAL A 344 11.18 -9.83 -3.68
N LEU A 345 10.56 -10.87 -4.24
CA LEU A 345 10.65 -12.21 -3.69
C LEU A 345 12.11 -12.61 -3.58
N VAL A 346 12.80 -12.54 -4.72
CA VAL A 346 14.18 -13.00 -4.85
C VAL A 346 15.12 -12.14 -4.04
N THR A 347 14.72 -10.89 -3.80
CA THR A 347 15.56 -9.98 -3.04
C THR A 347 15.52 -10.35 -1.57
N SER A 348 14.32 -10.65 -1.08
CA SER A 348 14.11 -10.85 0.35
C SER A 348 14.08 -12.33 0.82
N LEU A 349 14.18 -13.27 -0.11
CA LEU A 349 14.03 -14.69 0.23
C LEU A 349 15.13 -15.27 1.13
N PRO A 350 16.41 -14.95 0.83
CA PRO A 350 17.50 -15.39 1.70
C PRO A 350 17.24 -15.04 3.16
N LEU A 351 16.56 -13.92 3.41
CA LEU A 351 16.23 -13.52 4.79
C LEU A 351 15.19 -14.46 5.37
N LEU A 352 14.08 -14.62 4.68
CA LEU A 352 13.04 -15.56 5.08
C LEU A 352 13.63 -16.94 5.39
N TYR A 353 14.65 -17.30 4.63
CA TYR A 353 15.25 -18.63 4.76
C TYR A 353 16.05 -18.73 6.04
N ARG A 354 16.66 -17.62 6.44
CA ARG A 354 17.50 -17.54 7.63
C ARG A 354 16.64 -17.48 8.91
N VAL A 355 15.40 -17.01 8.77
CA VAL A 355 14.47 -16.95 9.89
C VAL A 355 13.59 -18.19 9.96
N PHE A 356 12.81 -18.43 8.92
CA PHE A 356 11.92 -19.58 8.86
C PHE A 356 12.30 -20.56 7.75
N PRO A 357 13.40 -21.31 7.95
CA PRO A 357 13.83 -22.27 6.93
C PRO A 357 12.80 -23.40 6.78
N THR A 358 11.89 -23.49 7.75
CA THR A 358 10.88 -24.53 7.76
C THR A 358 9.65 -24.16 6.92
N HIS A 359 9.71 -23.01 6.27
CA HIS A 359 8.57 -22.49 5.52
C HIS A 359 8.23 -23.36 4.30
N ASP A 360 6.94 -23.50 4.01
CA ASP A 360 6.47 -24.33 2.90
C ASP A 360 7.19 -24.04 1.60
N ILE A 361 7.45 -22.76 1.35
CA ILE A 361 8.07 -22.34 0.10
C ILE A 361 9.35 -23.13 -0.19
N PHE A 362 10.13 -23.39 0.86
CA PHE A 362 11.44 -24.02 0.72
C PHE A 362 11.34 -25.50 0.43
N LEU A 363 10.12 -26.03 0.47
CA LEU A 363 9.92 -27.46 0.25
C LEU A 363 9.86 -27.82 -1.23
N ASP A 364 9.85 -26.82 -2.10
CA ASP A 364 9.82 -27.09 -3.53
C ASP A 364 11.19 -27.59 -3.99
N PRO A 365 11.20 -28.62 -4.85
CA PRO A 365 12.44 -29.18 -5.39
C PRO A 365 13.18 -28.13 -6.20
N SER A 366 12.44 -27.20 -6.77
CA SER A 366 13.02 -26.08 -7.51
C SER A 366 13.99 -25.31 -6.63
N LEU A 367 13.50 -24.88 -5.47
CA LEU A 367 14.34 -24.19 -4.48
C LEU A 367 15.43 -25.09 -3.90
N LYS A 368 15.37 -26.39 -4.22
CA LYS A 368 16.36 -27.35 -3.73
C LYS A 368 17.59 -27.49 -4.64
N THR A 369 17.53 -26.91 -5.83
CA THR A 369 18.64 -27.00 -6.78
C THR A 369 19.93 -26.45 -6.17
N PRO A 370 21.09 -26.89 -6.70
CA PRO A 370 22.41 -26.55 -6.15
C PRO A 370 22.65 -25.04 -6.14
N GLN A 371 22.10 -24.36 -7.14
CA GLN A 371 22.18 -22.91 -7.21
C GLN A 371 21.20 -22.25 -6.26
N ASN A 372 19.90 -22.46 -6.43
CA ASN A 372 18.96 -21.81 -5.54
C ASN A 372 19.39 -21.96 -4.06
N ILE A 373 19.91 -23.14 -3.72
CA ILE A 373 20.55 -23.29 -2.42
C ILE A 373 21.77 -22.37 -2.35
N ALA A 374 22.51 -22.26 -3.45
CA ALA A 374 23.67 -21.36 -3.47
C ALA A 374 23.33 -19.94 -3.04
N PHE A 375 22.28 -19.36 -3.64
CA PHE A 375 21.92 -17.96 -3.37
C PHE A 375 21.14 -17.76 -2.07
N LEU A 376 20.35 -18.76 -1.65
CA LEU A 376 19.69 -18.66 -0.35
C LEU A 376 20.71 -18.56 0.79
N THR A 377 21.86 -19.18 0.59
CA THR A 377 22.93 -19.20 1.60
C THR A 377 24.04 -18.17 1.36
N GLY A 378 23.87 -17.32 0.36
CA GLY A 378 24.87 -16.32 0.07
C GLY A 378 24.74 -15.10 0.98
N THR A 379 25.21 -13.96 0.49
CA THR A 379 25.14 -12.72 1.27
C THR A 379 23.70 -12.42 1.68
N LEU A 380 23.52 -11.84 2.85
CA LEU A 380 22.20 -11.54 3.39
C LEU A 380 21.70 -10.18 2.89
N PRO A 381 20.38 -10.03 2.68
CA PRO A 381 19.92 -8.75 2.10
C PRO A 381 20.16 -7.60 3.08
N LEU A 382 20.01 -7.88 4.36
CA LEU A 382 20.42 -6.97 5.42
C LEU A 382 20.84 -7.81 6.62
N ASP A 383 21.64 -7.24 7.50
CA ASP A 383 22.16 -7.96 8.65
C ASP A 383 21.04 -8.45 9.59
N ILE A 384 21.26 -9.62 10.19
CA ILE A 384 20.30 -10.23 11.09
C ILE A 384 19.86 -9.31 12.22
N GLU A 385 20.81 -8.58 12.79
CA GLU A 385 20.58 -7.81 14.00
C GLU A 385 19.51 -6.74 13.82
N SER A 386 19.11 -6.53 12.56
CA SER A 386 18.06 -5.59 12.23
C SER A 386 16.66 -6.07 12.65
N GLN A 387 16.37 -7.33 12.36
CA GLN A 387 15.01 -7.86 12.54
C GLN A 387 14.77 -8.47 13.93
N GLU A 388 15.74 -8.36 14.82
CA GLU A 388 15.57 -8.84 16.19
C GLU A 388 14.22 -8.42 16.74
N HIS A 389 14.07 -7.12 16.95
CA HIS A 389 12.92 -6.54 17.61
C HIS A 389 11.63 -7.09 17.03
N LEU A 390 11.56 -7.14 15.71
CA LEU A 390 10.42 -7.73 15.02
C LEU A 390 10.17 -9.15 15.56
N LEU A 391 11.21 -9.99 15.52
CA LEU A 391 11.10 -11.37 15.99
C LEU A 391 10.62 -11.49 17.44
N ALA A 392 11.00 -10.52 18.28
CA ALA A 392 10.62 -10.55 19.68
C ALA A 392 9.10 -10.57 19.87
N GLN A 393 8.37 -10.29 18.79
CA GLN A 393 6.93 -10.09 18.83
C GLN A 393 6.06 -11.33 18.57
N LEU A 394 6.66 -12.50 18.42
CA LEU A 394 5.86 -13.72 18.18
C LEU A 394 5.75 -14.63 19.41
N ILE A 395 4.63 -15.32 19.53
CA ILE A 395 4.35 -16.12 20.73
C ILE A 395 4.73 -17.60 20.65
N ASP A 396 5.31 -18.00 19.52
CA ASP A 396 5.96 -19.30 19.42
C ASP A 396 7.39 -19.12 18.92
N LYS A 397 8.35 -19.37 19.79
CA LYS A 397 9.75 -19.30 19.39
C LYS A 397 10.04 -20.56 18.61
N THR A 398 10.75 -20.42 17.50
CA THR A 398 11.04 -21.55 16.63
C THR A 398 12.25 -22.35 17.12
N GLY A 399 12.69 -23.30 16.30
CA GLY A 399 13.89 -24.05 16.59
C GLY A 399 15.11 -23.15 16.63
N THR A 400 15.03 -22.04 15.88
CA THR A 400 16.10 -21.05 15.87
C THR A 400 15.72 -19.86 16.74
N VAL A 401 16.40 -19.73 17.87
CA VAL A 401 16.13 -18.65 18.81
C VAL A 401 17.26 -17.63 18.83
N SER A 402 16.95 -16.40 18.43
CA SER A 402 17.93 -15.33 18.41
C SER A 402 17.27 -13.98 18.66
#